data_2FVR
#
_entry.id   2FVR
#
_cell.length_a   54.794
_cell.length_b   145.901
_cell.length_c   46.929
_cell.angle_alpha   90.00
_cell.angle_beta   90.00
_cell.angle_gamma   90.00
#
_symmetry.space_group_name_H-M   'P 21 21 2'
#
loop_
_entity.id
_entity.type
_entity.pdbx_description
1 polymer "5'-D(*TP*CP*TP*TP*TP*CP*AP*TP*AP*TP*GP*AP*AP*AP*GP*A)-3'"
2 polymer 'reverse transcriptase'
3 water water
#
loop_
_entity_poly.entity_id
_entity_poly.type
_entity_poly.pdbx_seq_one_letter_code
_entity_poly.pdbx_strand_id
1 'polydeoxyribonucleotide' (DT)(DC)(DT)(DT)(DT)(DC)(DA)(DT)(DA)(DT)(DG)(DA)(DA)(DA)(DG)(DA) B
2 'polypeptide(L)'
;TWLSDFPQAWAETGGMGLAVRQAPLIIPLKATSTPVSIKQYPMSQEARLGIKPHIQRLLDQGILVPCQSPWNTPLLPVKK
PGTNDYRPVQDLREVNKRVEDIHPTVPNPYNLLSGLPPSHQWYTVLDLKDAFFCLRLHPTSQPLFAFEWRDPEMGISGQL
TWTRLPQGFKNSPTLFDEALHRDLADFRIQHPDLILLQYVDDLLLAATSELDCQQGTRALLQTLGNLGYRASAKKAQICQ
KQVKYLGYLLKEGQR
;
A
#
# COMPACT_ATOMS: atom_id res chain seq x y z
N THR B 1 9.89 -22.91 8.60
CA THR B 1 10.43 -22.44 7.30
C THR B 1 9.34 -21.76 6.47
N TRP B 2 8.54 -20.93 7.14
CA TRP B 2 7.45 -20.22 6.47
C TRP B 2 7.90 -19.50 5.21
N LEU B 3 9.09 -18.88 5.28
CA LEU B 3 9.61 -18.15 4.14
C LEU B 3 9.80 -19.03 2.91
N SER B 4 10.29 -20.25 3.11
CA SER B 4 10.53 -21.18 2.02
C SER B 4 9.25 -21.82 1.46
N ASP B 5 8.26 -22.02 2.32
CA ASP B 5 7.00 -22.63 1.91
C ASP B 5 6.14 -21.74 1.03
N PHE B 6 6.34 -20.42 1.13
CA PHE B 6 5.56 -19.47 0.35
C PHE B 6 6.46 -18.37 -0.21
N PRO B 7 7.19 -18.67 -1.28
CA PRO B 7 8.10 -17.72 -1.94
C PRO B 7 7.38 -16.53 -2.57
N GLN B 8 6.21 -16.79 -3.12
CA GLN B 8 5.42 -15.77 -3.80
C GLN B 8 4.73 -14.77 -2.87
N ALA B 9 4.39 -15.21 -1.66
CA ALA B 9 3.70 -14.35 -0.70
C ALA B 9 4.58 -13.35 0.05
N TRP B 10 5.88 -13.60 0.09
CA TRP B 10 6.77 -12.69 0.81
C TRP B 10 7.40 -11.64 -0.08
N ALA B 11 7.40 -10.39 0.39
CA ALA B 11 7.98 -9.28 -0.37
C ALA B 11 9.45 -9.55 -0.68
N GLU B 12 10.12 -10.22 0.25
CA GLU B 12 11.54 -10.54 0.11
C GLU B 12 11.87 -11.53 -1.02
N THR B 13 10.91 -12.39 -1.38
CA THR B 13 11.19 -13.37 -2.43
C THR B 13 10.27 -13.37 -3.66
N GLY B 14 9.08 -12.81 -3.52
CA GLY B 14 8.14 -12.79 -4.65
C GLY B 14 8.18 -11.59 -5.56
N GLY B 15 9.03 -10.62 -5.24
CA GLY B 15 9.12 -9.42 -6.06
C GLY B 15 7.96 -8.49 -5.79
N MET B 16 7.97 -7.33 -6.44
CA MET B 16 6.91 -6.33 -6.29
C MET B 16 5.56 -6.93 -6.67
N GLY B 17 4.53 -6.64 -5.87
CA GLY B 17 3.21 -7.16 -6.15
C GLY B 17 2.45 -6.41 -7.24
N LEU B 18 1.27 -6.94 -7.56
CA LEU B 18 0.37 -6.38 -8.56
C LEU B 18 -0.92 -7.18 -8.39
N ALA B 19 -2.00 -6.50 -8.03
CA ALA B 19 -3.29 -7.16 -7.82
C ALA B 19 -3.93 -7.49 -9.17
N VAL B 20 -3.57 -8.66 -9.71
CA VAL B 20 -4.05 -9.10 -11.02
C VAL B 20 -5.56 -9.21 -11.21
N ARG B 21 -6.31 -9.36 -10.12
CA ARG B 21 -7.77 -9.50 -10.21
C ARG B 21 -8.46 -8.15 -10.20
N GLN B 22 -7.72 -7.11 -9.85
CA GLN B 22 -8.30 -5.78 -9.76
C GLN B 22 -8.17 -4.95 -11.02
N ALA B 23 -9.31 -4.50 -11.51
CA ALA B 23 -9.34 -3.66 -12.71
C ALA B 23 -8.58 -2.37 -12.42
N PRO B 24 -7.84 -1.86 -13.40
CA PRO B 24 -7.10 -0.61 -13.18
C PRO B 24 -8.11 0.46 -12.70
N LEU B 25 -7.70 1.23 -11.69
CA LEU B 25 -8.58 2.23 -11.09
C LEU B 25 -8.75 3.54 -11.85
N ILE B 26 -10.01 3.98 -11.94
CA ILE B 26 -10.37 5.23 -12.59
C ILE B 26 -10.78 6.18 -11.46
N ILE B 27 -10.17 7.35 -11.41
CA ILE B 27 -10.41 8.33 -10.36
C ILE B 27 -11.33 9.45 -10.87
N PRO B 28 -12.60 9.47 -10.41
CA PRO B 28 -13.52 10.51 -10.88
C PRO B 28 -13.18 11.88 -10.30
N LEU B 29 -13.23 12.91 -11.15
CA LEU B 29 -12.95 14.26 -10.71
C LEU B 29 -14.24 14.94 -10.32
N LYS B 30 -14.15 16.00 -9.52
CA LYS B 30 -15.33 16.73 -9.16
C LYS B 30 -15.87 17.33 -10.46
N ALA B 31 -17.16 17.62 -10.47
CA ALA B 31 -17.83 18.17 -11.66
C ALA B 31 -17.20 19.42 -12.23
N THR B 32 -16.67 20.29 -11.38
CA THR B 32 -16.09 21.55 -11.85
C THR B 32 -14.56 21.60 -11.93
N SER B 33 -13.90 20.47 -11.68
CA SER B 33 -12.45 20.45 -11.70
C SER B 33 -11.76 20.70 -13.04
N THR B 34 -10.67 21.46 -12.96
CA THR B 34 -9.81 21.81 -14.09
C THR B 34 -8.41 21.38 -13.67
N PRO B 35 -7.54 20.99 -14.62
CA PRO B 35 -6.18 20.57 -14.23
C PRO B 35 -5.40 21.68 -13.54
N VAL B 36 -4.60 21.32 -12.55
CA VAL B 36 -3.77 22.29 -11.85
C VAL B 36 -2.31 21.90 -12.05
N SER B 37 -1.50 22.86 -12.49
CA SER B 37 -0.08 22.63 -12.75
C SER B 37 0.79 23.52 -11.87
N ILE B 38 1.35 22.94 -10.82
CA ILE B 38 2.19 23.66 -9.88
C ILE B 38 3.66 23.39 -10.20
N LYS B 39 4.42 24.46 -10.42
CA LYS B 39 5.84 24.37 -10.74
C LYS B 39 6.64 23.65 -9.64
N GLN B 40 7.54 22.77 -10.06
CA GLN B 40 8.40 22.05 -9.12
C GLN B 40 9.28 23.07 -8.40
N TYR B 41 9.38 22.96 -7.08
CA TYR B 41 10.23 23.89 -6.33
C TYR B 41 11.69 23.50 -6.55
N PRO B 42 12.59 24.48 -6.62
CA PRO B 42 14.01 24.21 -6.81
C PRO B 42 14.47 23.22 -5.74
N MET B 43 15.25 22.23 -6.14
CA MET B 43 15.73 21.22 -5.20
C MET B 43 17.26 21.23 -5.18
N SER B 44 17.83 21.14 -3.98
CA SER B 44 19.28 21.13 -3.85
C SER B 44 19.81 19.84 -4.45
N GLN B 45 21.07 19.86 -4.87
CA GLN B 45 21.67 18.68 -5.45
C GLN B 45 21.67 17.54 -4.42
N GLU B 46 21.96 17.85 -3.16
CA GLU B 46 21.98 16.82 -2.13
C GLU B 46 20.63 16.08 -2.06
N ALA B 47 19.54 16.84 -2.00
CA ALA B 47 18.21 16.25 -1.95
C ALA B 47 17.95 15.44 -3.22
N ARG B 48 18.33 16.02 -4.36
CA ARG B 48 18.12 15.34 -5.63
C ARG B 48 18.89 14.02 -5.69
N LEU B 49 20.13 14.02 -5.22
CA LEU B 49 20.94 12.81 -5.23
C LEU B 49 20.35 11.75 -4.29
N GLY B 50 19.88 12.19 -3.12
CA GLY B 50 19.30 11.25 -2.17
C GLY B 50 18.08 10.55 -2.73
N ILE B 51 17.21 11.32 -3.38
CA ILE B 51 15.98 10.82 -3.96
C ILE B 51 16.13 10.02 -5.26
N LYS B 52 17.12 10.38 -6.07
CA LYS B 52 17.36 9.73 -7.35
C LYS B 52 17.26 8.20 -7.43
N PRO B 53 17.93 7.49 -6.51
CA PRO B 53 17.89 6.02 -6.52
C PRO B 53 16.47 5.47 -6.42
N HIS B 54 15.63 6.16 -5.65
CA HIS B 54 14.25 5.73 -5.48
C HIS B 54 13.46 5.91 -6.76
N ILE B 55 13.64 7.05 -7.41
CA ILE B 55 12.94 7.33 -8.65
C ILE B 55 13.36 6.34 -9.74
N GLN B 56 14.65 6.05 -9.83
CA GLN B 56 15.13 5.12 -10.85
C GLN B 56 14.55 3.73 -10.60
N ARG B 57 14.53 3.32 -9.35
CA ARG B 57 13.99 2.02 -8.98
C ARG B 57 12.52 1.91 -9.43
N LEU B 58 11.74 2.94 -9.13
CA LEU B 58 10.32 2.96 -9.52
C LEU B 58 10.16 2.94 -11.04
N LEU B 59 11.07 3.58 -11.76
CA LEU B 59 11.03 3.61 -13.22
C LEU B 59 11.37 2.21 -13.73
N ASP B 60 12.33 1.56 -13.08
CA ASP B 60 12.71 0.21 -13.50
C ASP B 60 11.56 -0.76 -13.23
N GLN B 61 10.85 -0.54 -12.13
CA GLN B 61 9.73 -1.39 -11.76
C GLN B 61 8.45 -1.09 -12.55
N GLY B 62 8.48 -0.06 -13.38
CA GLY B 62 7.30 0.28 -14.17
C GLY B 62 6.26 1.06 -13.36
N ILE B 63 6.55 1.31 -12.09
CA ILE B 63 5.63 2.03 -11.23
C ILE B 63 5.54 3.50 -11.65
N LEU B 64 6.64 4.04 -12.16
CA LEU B 64 6.66 5.41 -12.67
C LEU B 64 6.94 5.36 -14.16
N VAL B 65 6.30 6.24 -14.93
CA VAL B 65 6.51 6.32 -16.37
C VAL B 65 6.58 7.75 -16.85
N PRO B 66 7.27 8.00 -17.98
CA PRO B 66 7.38 9.35 -18.52
C PRO B 66 6.01 9.78 -19.01
N CYS B 67 5.76 11.08 -19.03
CA CYS B 67 4.48 11.56 -19.51
C CYS B 67 4.54 13.07 -19.72
N GLN B 68 3.47 13.57 -20.32
CA GLN B 68 3.30 14.99 -20.60
C GLN B 68 1.87 15.19 -20.09
N SER B 69 1.71 16.00 -19.06
CA SER B 69 0.40 16.20 -18.47
C SER B 69 0.12 17.64 -18.04
N PRO B 70 -1.15 18.07 -18.19
CA PRO B 70 -1.59 19.42 -17.83
C PRO B 70 -1.61 19.54 -16.30
N TRP B 71 -1.43 18.40 -15.63
CA TRP B 71 -1.41 18.38 -14.17
C TRP B 71 0.04 18.30 -13.72
N ASN B 72 0.32 18.90 -12.57
CA ASN B 72 1.67 18.84 -12.00
C ASN B 72 1.65 19.30 -10.54
N THR B 73 2.24 18.49 -9.67
CA THR B 73 2.33 18.82 -8.26
C THR B 73 3.78 18.69 -7.82
N PRO B 74 4.18 19.43 -6.76
CA PRO B 74 5.52 19.44 -6.20
C PRO B 74 6.03 18.14 -5.59
N LEU B 75 7.30 17.84 -5.85
CA LEU B 75 7.95 16.67 -5.31
C LEU B 75 8.79 17.22 -4.16
N LEU B 76 8.57 16.75 -2.95
CA LEU B 76 9.31 17.23 -1.79
C LEU B 76 10.38 16.26 -1.28
N PRO B 77 11.53 16.79 -0.85
CA PRO B 77 12.61 15.94 -0.33
C PRO B 77 12.43 15.89 1.18
N VAL B 78 12.20 14.70 1.72
CA VAL B 78 12.01 14.55 3.16
C VAL B 78 13.04 13.58 3.73
N LYS B 79 13.86 14.07 4.65
CA LYS B 79 14.90 13.24 5.26
C LYS B 79 14.42 12.69 6.60
N LYS B 80 13.96 11.44 6.59
CA LYS B 80 13.46 10.81 7.80
C LYS B 80 14.55 10.54 8.83
N PRO B 81 15.64 9.85 8.43
CA PRO B 81 16.74 9.56 9.37
C PRO B 81 17.14 10.76 10.20
N GLY B 82 17.82 10.50 11.31
CA GLY B 82 18.27 11.58 12.19
C GLY B 82 18.60 12.83 11.41
N THR B 83 19.19 12.64 10.24
CA THR B 83 19.56 13.73 9.35
C THR B 83 20.34 13.20 8.13
N ASN B 84 19.79 12.17 7.49
CA ASN B 84 20.44 11.59 6.33
C ASN B 84 19.44 11.02 5.31
N ASP B 85 19.95 10.75 4.11
CA ASP B 85 19.16 10.21 2.99
C ASP B 85 17.71 10.64 2.90
N TYR B 86 17.39 11.34 1.81
CA TYR B 86 16.05 11.83 1.57
C TYR B 86 15.18 10.82 0.84
N ARG B 87 13.87 11.02 0.91
CA ARG B 87 12.90 10.17 0.24
C ARG B 87 11.88 11.11 -0.41
N PRO B 88 11.43 10.80 -1.63
CA PRO B 88 10.45 11.63 -2.33
C PRO B 88 9.05 11.63 -1.74
N VAL B 89 8.52 12.82 -1.50
CA VAL B 89 7.18 12.96 -0.97
C VAL B 89 6.43 14.00 -1.81
N GLN B 90 5.47 13.53 -2.59
CA GLN B 90 4.68 14.37 -3.46
C GLN B 90 3.55 15.08 -2.73
N ASP B 91 3.43 16.39 -2.96
CA ASP B 91 2.38 17.18 -2.34
C ASP B 91 1.16 17.18 -3.28
N LEU B 92 0.26 16.23 -3.05
CA LEU B 92 -0.94 16.08 -3.86
C LEU B 92 -2.20 16.79 -3.34
N ARG B 93 -2.03 17.74 -2.42
CA ARG B 93 -3.19 18.43 -1.87
C ARG B 93 -4.08 19.12 -2.90
N GLU B 94 -3.48 19.78 -3.90
CA GLU B 94 -4.29 20.46 -4.92
C GLU B 94 -5.01 19.47 -5.83
N VAL B 95 -4.45 18.28 -5.96
CA VAL B 95 -5.10 17.25 -6.76
C VAL B 95 -6.26 16.68 -5.93
N ASN B 96 -5.99 16.35 -4.67
CA ASN B 96 -7.02 15.80 -3.78
C ASN B 96 -8.28 16.66 -3.73
N LYS B 97 -8.09 17.97 -3.74
CA LYS B 97 -9.20 18.90 -3.67
C LYS B 97 -10.07 18.86 -4.93
N ARG B 98 -9.49 18.41 -6.03
CA ARG B 98 -10.23 18.35 -7.28
C ARG B 98 -10.80 16.97 -7.57
N VAL B 99 -10.52 16.01 -6.69
CA VAL B 99 -11.02 14.65 -6.85
C VAL B 99 -12.32 14.48 -6.07
N GLU B 100 -13.29 13.79 -6.66
CA GLU B 100 -14.58 13.59 -6.00
C GLU B 100 -14.40 12.73 -4.75
N ASP B 101 -15.04 13.15 -3.65
CA ASP B 101 -14.94 12.41 -2.40
C ASP B 101 -15.67 11.08 -2.45
N ILE B 102 -15.17 10.12 -1.69
CA ILE B 102 -15.81 8.82 -1.59
C ILE B 102 -16.08 8.59 -0.09
N HIS B 103 -17.02 7.72 0.22
CA HIS B 103 -17.32 7.46 1.61
C HIS B 103 -16.16 6.71 2.25
N PRO B 104 -15.71 7.17 3.43
CA PRO B 104 -14.59 6.52 4.13
C PRO B 104 -15.10 5.23 4.75
N THR B 105 -14.70 4.09 4.20
CA THR B 105 -15.15 2.81 4.72
C THR B 105 -14.13 2.10 5.62
N VAL B 106 -12.95 2.68 5.77
CA VAL B 106 -11.95 2.06 6.64
C VAL B 106 -12.39 2.31 8.08
N PRO B 107 -12.70 1.23 8.83
CA PRO B 107 -13.14 1.36 10.22
C PRO B 107 -11.98 1.82 11.11
N ASN B 108 -12.29 2.48 12.22
CA ASN B 108 -11.20 2.89 13.09
C ASN B 108 -10.75 1.67 13.88
N PRO B 109 -9.45 1.60 14.20
CA PRO B 109 -8.87 0.49 14.94
C PRO B 109 -9.71 0.01 16.12
N TYR B 110 -10.18 0.93 16.96
CA TYR B 110 -10.99 0.56 18.11
C TYR B 110 -12.18 -0.29 17.71
N ASN B 111 -13.00 0.21 16.79
CA ASN B 111 -14.16 -0.54 16.36
C ASN B 111 -13.76 -1.84 15.67
N LEU B 112 -12.69 -1.80 14.87
CA LEU B 112 -12.24 -3.02 14.19
C LEU B 112 -11.90 -4.12 15.19
N LEU B 113 -11.12 -3.77 16.22
CA LEU B 113 -10.73 -4.76 17.22
C LEU B 113 -11.88 -5.27 18.09
N SER B 114 -13.02 -4.57 18.06
CA SER B 114 -14.18 -4.99 18.85
C SER B 114 -14.76 -6.28 18.29
N GLY B 115 -14.38 -6.63 17.07
CA GLY B 115 -14.89 -7.84 16.45
C GLY B 115 -13.98 -9.04 16.68
N LEU B 116 -13.21 -9.00 17.76
CA LEU B 116 -12.29 -10.09 18.09
C LEU B 116 -12.80 -10.85 19.32
N PRO B 117 -13.31 -12.08 19.12
CA PRO B 117 -13.82 -12.94 20.18
C PRO B 117 -12.75 -13.48 21.13
N PRO B 118 -13.13 -13.79 22.38
CA PRO B 118 -12.20 -14.31 23.39
C PRO B 118 -11.76 -15.73 23.02
N SER B 119 -12.61 -16.42 22.25
CA SER B 119 -12.34 -17.78 21.80
C SER B 119 -11.07 -17.90 20.97
N HIS B 120 -10.85 -16.94 20.08
CA HIS B 120 -9.67 -16.96 19.21
C HIS B 120 -8.52 -16.18 19.84
N GLN B 121 -7.57 -16.90 20.44
CA GLN B 121 -6.43 -16.25 21.07
C GLN B 121 -5.10 -16.52 20.40
N TRP B 122 -5.12 -17.25 19.29
CA TRP B 122 -3.89 -17.51 18.55
C TRP B 122 -3.89 -16.52 17.40
N TYR B 123 -2.85 -15.70 17.32
CA TYR B 123 -2.80 -14.67 16.29
C TYR B 123 -1.63 -14.71 15.32
N THR B 124 -1.87 -14.13 14.15
CA THR B 124 -0.87 -14.00 13.10
C THR B 124 -1.10 -12.58 12.58
N VAL B 125 -0.02 -11.83 12.44
CA VAL B 125 -0.12 -10.46 11.94
C VAL B 125 0.78 -10.32 10.72
N LEU B 126 0.20 -9.80 9.64
CA LEU B 126 0.92 -9.60 8.40
C LEU B 126 0.80 -8.15 7.98
N ASP B 127 1.89 -7.62 7.43
CA ASP B 127 1.93 -6.24 6.96
C ASP B 127 2.21 -6.30 5.46
N LEU B 128 1.26 -5.85 4.66
CA LEU B 128 1.46 -5.87 3.21
C LEU B 128 2.46 -4.80 2.81
N LYS B 129 3.43 -5.21 2.01
CA LYS B 129 4.49 -4.33 1.53
C LYS B 129 4.07 -3.62 0.25
N ASP B 130 4.27 -2.30 0.22
CA ASP B 130 3.94 -1.47 -0.95
C ASP B 130 2.55 -1.83 -1.48
N ALA B 131 1.59 -1.84 -0.57
CA ALA B 131 0.21 -2.17 -0.87
C ALA B 131 -0.40 -1.32 -1.97
N PHE B 132 -0.39 0.01 -1.80
CA PHE B 132 -0.99 0.87 -2.81
C PHE B 132 -0.43 0.60 -4.20
N PHE B 133 0.89 0.46 -4.29
CA PHE B 133 1.53 0.20 -5.58
C PHE B 133 1.05 -1.09 -6.24
N CYS B 134 0.42 -1.96 -5.47
CA CYS B 134 -0.10 -3.20 -6.03
C CYS B 134 -1.35 -2.94 -6.88
N LEU B 135 -2.03 -1.82 -6.64
CA LEU B 135 -3.23 -1.51 -7.42
C LEU B 135 -2.93 -0.64 -8.62
N ARG B 136 -3.20 -1.17 -9.81
CA ARG B 136 -2.96 -0.42 -11.03
C ARG B 136 -3.89 0.79 -11.14
N LEU B 137 -3.43 1.79 -11.88
CA LEU B 137 -4.22 2.99 -12.11
C LEU B 137 -4.54 2.97 -13.59
N HIS B 138 -5.78 3.26 -13.94
CA HIS B 138 -6.16 3.26 -15.35
C HIS B 138 -5.41 4.36 -16.08
N PRO B 139 -4.97 4.09 -17.32
CA PRO B 139 -4.24 5.06 -18.13
C PRO B 139 -4.88 6.45 -18.14
N THR B 140 -6.20 6.50 -18.09
CA THR B 140 -6.94 7.76 -18.12
C THR B 140 -6.75 8.58 -16.84
N SER B 141 -6.52 7.91 -15.72
CA SER B 141 -6.34 8.61 -14.46
C SER B 141 -4.88 8.84 -14.10
N GLN B 142 -3.98 8.22 -14.84
CA GLN B 142 -2.55 8.40 -14.56
C GLN B 142 -2.00 9.83 -14.65
N PRO B 143 -2.39 10.59 -15.69
CA PRO B 143 -1.91 11.98 -15.86
C PRO B 143 -2.15 12.92 -14.68
N LEU B 144 -3.14 12.57 -13.87
CA LEU B 144 -3.51 13.36 -12.70
C LEU B 144 -2.42 13.52 -11.65
N PHE B 145 -1.60 12.50 -11.49
CA PHE B 145 -0.55 12.48 -10.46
C PHE B 145 0.87 12.77 -10.94
N ALA B 146 0.98 13.52 -12.03
CA ALA B 146 2.28 13.82 -12.60
C ALA B 146 3.09 14.83 -11.82
N PHE B 147 4.41 14.71 -11.93
CA PHE B 147 5.33 15.64 -11.27
C PHE B 147 6.54 15.77 -12.18
N GLU B 148 7.34 16.81 -11.96
CA GLU B 148 8.52 17.04 -12.79
C GLU B 148 9.77 16.42 -12.20
N TRP B 149 10.56 15.77 -13.05
CA TRP B 149 11.81 15.16 -12.61
C TRP B 149 12.95 15.64 -13.50
N ARG B 150 13.95 16.25 -12.88
CA ARG B 150 15.11 16.76 -13.60
C ARG B 150 16.41 16.04 -13.25
N ASP B 151 17.35 16.07 -14.19
CA ASP B 151 18.66 15.45 -14.02
C ASP B 151 19.63 16.42 -14.70
N PRO B 152 19.88 17.60 -14.06
CA PRO B 152 20.75 18.69 -14.50
C PRO B 152 21.66 18.48 -15.70
N GLU B 153 22.77 17.77 -15.51
CA GLU B 153 23.72 17.52 -16.60
C GLU B 153 23.14 16.84 -17.83
N MET B 154 21.89 16.38 -17.74
CA MET B 154 21.19 15.72 -18.85
C MET B 154 19.99 14.97 -18.28
N GLY B 155 18.80 15.57 -18.42
CA GLY B 155 17.60 14.94 -17.91
C GLY B 155 16.64 14.43 -18.96
N ILE B 156 15.88 13.39 -18.61
CA ILE B 156 14.90 12.80 -19.52
C ILE B 156 13.65 13.66 -19.54
N SER B 157 13.05 13.82 -20.73
CA SER B 157 11.86 14.62 -20.92
C SER B 157 11.64 15.65 -19.81
N GLY B 158 10.73 15.35 -18.90
CA GLY B 158 10.46 16.26 -17.80
C GLY B 158 9.53 15.65 -16.76
N GLN B 159 8.27 15.42 -17.14
CA GLN B 159 7.30 14.86 -16.22
C GLN B 159 7.26 13.33 -16.12
N LEU B 160 6.92 12.86 -14.94
CA LEU B 160 6.77 11.44 -14.70
C LEU B 160 5.45 11.31 -13.96
N THR B 161 4.82 10.15 -14.05
CA THR B 161 3.60 9.93 -13.31
C THR B 161 3.52 8.48 -12.87
N TRP B 162 2.53 8.17 -12.04
CA TRP B 162 2.35 6.83 -11.51
C TRP B 162 1.42 5.92 -12.30
N THR B 163 1.73 4.62 -12.33
CA THR B 163 0.88 3.64 -13.01
C THR B 163 0.12 2.84 -11.94
N ARG B 164 0.42 3.14 -10.69
CA ARG B 164 -0.22 2.47 -9.55
C ARG B 164 -0.76 3.53 -8.59
N LEU B 165 -1.68 3.11 -7.72
CA LEU B 165 -2.27 4.01 -6.72
C LEU B 165 -1.11 4.64 -5.92
N PRO B 166 -1.01 5.98 -5.94
CA PRO B 166 0.10 6.62 -5.21
C PRO B 166 -0.09 7.04 -3.75
N GLN B 167 1.04 7.36 -3.11
CA GLN B 167 1.04 7.83 -1.74
C GLN B 167 0.64 9.30 -1.83
N GLY B 168 -0.01 9.81 -0.78
CA GLY B 168 -0.40 11.19 -0.80
C GLY B 168 -1.80 11.46 -1.35
N PHE B 169 -2.36 10.50 -2.08
CA PHE B 169 -3.70 10.63 -2.64
C PHE B 169 -4.71 10.31 -1.53
N LYS B 170 -5.60 11.25 -1.28
CA LYS B 170 -6.61 11.11 -0.22
C LYS B 170 -7.42 9.83 -0.19
N ASN B 171 -7.73 9.26 -1.36
CA ASN B 171 -8.54 8.04 -1.40
C ASN B 171 -7.78 6.72 -1.49
N SER B 172 -6.46 6.73 -1.45
CA SER B 172 -5.71 5.49 -1.55
C SER B 172 -6.01 4.49 -0.42
N PRO B 173 -5.98 4.94 0.85
CA PRO B 173 -6.25 3.99 1.93
C PRO B 173 -7.59 3.26 1.75
N THR B 174 -8.64 4.02 1.50
CA THR B 174 -9.97 3.46 1.32
C THR B 174 -10.09 2.52 0.10
N LEU B 175 -9.54 2.93 -1.04
CA LEU B 175 -9.62 2.13 -2.25
C LEU B 175 -8.84 0.84 -2.11
N PHE B 176 -7.72 0.88 -1.40
CA PHE B 176 -6.95 -0.34 -1.19
C PHE B 176 -7.70 -1.30 -0.29
N ASP B 177 -8.21 -0.77 0.83
CA ASP B 177 -8.97 -1.57 1.80
C ASP B 177 -10.14 -2.28 1.13
N GLU B 178 -10.88 -1.55 0.30
CA GLU B 178 -12.04 -2.11 -0.40
C GLU B 178 -11.64 -3.16 -1.42
N ALA B 179 -10.51 -2.93 -2.11
CA ALA B 179 -10.04 -3.87 -3.13
C ALA B 179 -9.57 -5.17 -2.49
N LEU B 180 -8.83 -5.08 -1.38
CA LEU B 180 -8.36 -6.27 -0.72
C LEU B 180 -9.56 -7.03 -0.15
N HIS B 181 -10.53 -6.31 0.37
CA HIS B 181 -11.74 -6.94 0.89
C HIS B 181 -12.40 -7.76 -0.21
N ARG B 182 -12.46 -7.21 -1.43
CA ARG B 182 -13.06 -7.94 -2.55
C ARG B 182 -12.25 -9.17 -2.86
N ASP B 183 -10.92 -9.03 -2.85
CA ASP B 183 -10.04 -10.16 -3.16
C ASP B 183 -10.01 -11.25 -2.09
N LEU B 184 -10.28 -10.90 -0.84
CA LEU B 184 -10.24 -11.90 0.23
C LEU B 184 -11.63 -12.37 0.68
N ALA B 185 -12.66 -12.01 -0.08
CA ALA B 185 -14.03 -12.41 0.25
C ALA B 185 -14.16 -13.94 0.25
N ASP B 186 -13.67 -14.57 -0.80
CA ASP B 186 -13.74 -16.03 -0.89
C ASP B 186 -13.04 -16.69 0.29
N PHE B 187 -11.81 -16.27 0.58
CA PHE B 187 -11.05 -16.82 1.69
C PHE B 187 -11.86 -16.81 2.98
N ARG B 188 -12.59 -15.73 3.22
CA ARG B 188 -13.41 -15.62 4.42
C ARG B 188 -14.49 -16.70 4.41
N ILE B 189 -14.98 -17.03 3.21
CA ILE B 189 -16.02 -18.04 3.06
C ILE B 189 -15.48 -19.46 3.26
N GLN B 190 -14.31 -19.74 2.66
CA GLN B 190 -13.72 -21.07 2.79
C GLN B 190 -13.10 -21.27 4.18
N HIS B 191 -13.14 -20.25 5.02
CA HIS B 191 -12.58 -20.33 6.36
C HIS B 191 -13.46 -19.64 7.40
N PRO B 192 -14.72 -20.12 7.53
CA PRO B 192 -15.70 -19.57 8.48
C PRO B 192 -15.21 -19.56 9.92
N ASP B 193 -14.37 -20.53 10.26
CA ASP B 193 -13.83 -20.64 11.61
C ASP B 193 -12.66 -19.71 11.94
N LEU B 194 -12.29 -18.85 11.01
CA LEU B 194 -11.20 -17.91 11.26
C LEU B 194 -11.68 -16.47 11.37
N ILE B 195 -10.88 -15.65 12.03
CA ILE B 195 -11.20 -14.23 12.20
C ILE B 195 -10.12 -13.44 11.44
N LEU B 196 -10.56 -12.62 10.49
CA LEU B 196 -9.64 -11.81 9.71
C LEU B 196 -10.00 -10.34 9.83
N LEU B 197 -9.09 -9.56 10.40
CA LEU B 197 -9.29 -8.12 10.54
C LEU B 197 -8.41 -7.43 9.51
N GLN B 198 -8.99 -6.49 8.77
CA GLN B 198 -8.24 -5.75 7.76
C GLN B 198 -8.25 -4.27 8.06
N TYR B 199 -7.07 -3.68 8.07
CA TYR B 199 -6.95 -2.24 8.28
C TYR B 199 -5.95 -1.80 7.22
N VAL B 200 -6.47 -1.54 6.02
CA VAL B 200 -5.66 -1.15 4.88
C VAL B 200 -4.62 -2.26 4.64
N ASP B 201 -3.35 -1.98 4.93
CA ASP B 201 -2.32 -3.00 4.72
C ASP B 201 -1.91 -3.78 5.97
N ASP B 202 -2.67 -3.61 7.07
CA ASP B 202 -2.36 -4.32 8.31
C ASP B 202 -3.40 -5.39 8.57
N LEU B 203 -2.95 -6.64 8.52
CA LEU B 203 -3.82 -7.80 8.70
C LEU B 203 -3.59 -8.59 9.98
N LEU B 204 -4.69 -9.07 10.56
CA LEU B 204 -4.65 -9.88 11.76
C LEU B 204 -5.55 -11.09 11.57
N LEU B 205 -4.95 -12.27 11.65
CA LEU B 205 -5.68 -13.53 11.49
C LEU B 205 -5.77 -14.17 12.88
N ALA B 206 -6.99 -14.49 13.29
CA ALA B 206 -7.21 -15.09 14.60
C ALA B 206 -7.78 -16.51 14.50
N ALA B 207 -7.22 -17.42 15.31
CA ALA B 207 -7.67 -18.80 15.32
C ALA B 207 -7.94 -19.24 16.77
N THR B 208 -8.59 -20.38 16.92
CA THR B 208 -8.90 -20.91 18.25
C THR B 208 -7.74 -21.74 18.78
N SER B 209 -7.08 -22.48 17.89
CA SER B 209 -5.95 -23.32 18.29
C SER B 209 -4.70 -22.94 17.49
N GLU B 210 -3.54 -23.40 17.97
CA GLU B 210 -2.30 -23.12 17.29
C GLU B 210 -2.33 -23.71 15.89
N LEU B 211 -2.79 -24.96 15.78
CA LEU B 211 -2.86 -25.62 14.48
C LEU B 211 -3.72 -24.86 13.49
N ASP B 212 -4.90 -24.43 13.92
CA ASP B 212 -5.80 -23.67 13.05
C ASP B 212 -5.11 -22.41 12.55
N CYS B 213 -4.41 -21.74 13.45
CA CYS B 213 -3.69 -20.51 13.09
C CYS B 213 -2.59 -20.89 12.10
N GLN B 214 -2.03 -22.08 12.28
CA GLN B 214 -0.97 -22.57 11.41
C GLN B 214 -1.48 -22.86 10.00
N GLN B 215 -2.55 -23.62 9.93
CA GLN B 215 -3.14 -23.99 8.65
C GLN B 215 -3.79 -22.76 8.03
N GLY B 216 -4.36 -21.91 8.87
CA GLY B 216 -5.01 -20.71 8.40
C GLY B 216 -4.01 -19.77 7.75
N THR B 217 -2.89 -19.55 8.44
CA THR B 217 -1.84 -18.68 7.95
C THR B 217 -1.30 -19.16 6.61
N ARG B 218 -1.10 -20.47 6.47
CA ARG B 218 -0.59 -21.02 5.22
C ARG B 218 -1.53 -20.65 4.09
N ALA B 219 -2.82 -20.87 4.31
CA ALA B 219 -3.84 -20.58 3.30
C ALA B 219 -3.90 -19.09 2.95
N LEU B 220 -3.78 -18.23 3.96
CA LEU B 220 -3.83 -16.79 3.72
C LEU B 220 -2.63 -16.33 2.92
N LEU B 221 -1.45 -16.79 3.31
CA LEU B 221 -0.22 -16.43 2.60
C LEU B 221 -0.32 -16.91 1.17
N GLN B 222 -0.77 -18.14 0.99
CA GLN B 222 -0.93 -18.73 -0.33
C GLN B 222 -1.85 -17.86 -1.17
N THR B 223 -3.03 -17.59 -0.64
CA THR B 223 -4.02 -16.78 -1.33
C THR B 223 -3.46 -15.39 -1.65
N LEU B 224 -2.83 -14.75 -0.66
CA LEU B 224 -2.26 -13.42 -0.87
C LEU B 224 -1.25 -13.42 -2.00
N GLY B 225 -0.37 -14.41 -2.02
CA GLY B 225 0.64 -14.48 -3.06
C GLY B 225 0.04 -14.66 -4.44
N ASN B 226 -0.98 -15.51 -4.54
CA ASN B 226 -1.62 -15.78 -5.82
C ASN B 226 -2.37 -14.56 -6.35
N LEU B 227 -2.94 -13.78 -5.46
CA LEU B 227 -3.69 -12.59 -5.83
C LEU B 227 -2.77 -11.45 -6.26
N GLY B 228 -1.50 -11.53 -5.88
CA GLY B 228 -0.56 -10.49 -6.27
C GLY B 228 -0.08 -9.59 -5.15
N TYR B 229 -0.45 -9.88 -3.90
CA TYR B 229 -0.02 -9.08 -2.75
C TYR B 229 1.25 -9.67 -2.14
N ARG B 230 1.96 -8.87 -1.36
CA ARG B 230 3.19 -9.33 -0.73
C ARG B 230 3.29 -8.90 0.72
N ALA B 231 3.63 -9.84 1.59
CA ALA B 231 3.77 -9.58 3.00
C ALA B 231 5.25 -9.50 3.39
N SER B 232 5.55 -8.68 4.39
CA SER B 232 6.91 -8.51 4.88
C SER B 232 7.29 -9.65 5.82
N ALA B 233 8.16 -10.55 5.36
CA ALA B 233 8.60 -11.68 6.18
C ALA B 233 9.31 -11.17 7.43
N LYS B 234 10.02 -10.06 7.26
CA LYS B 234 10.76 -9.43 8.34
C LYS B 234 9.88 -9.04 9.53
N LYS B 235 8.75 -8.41 9.25
CA LYS B 235 7.83 -7.96 10.28
C LYS B 235 6.84 -9.01 10.74
N ALA B 236 6.60 -10.02 9.91
CA ALA B 236 5.64 -11.06 10.23
C ALA B 236 5.70 -11.59 11.67
N GLN B 237 4.52 -11.71 12.27
CA GLN B 237 4.35 -12.24 13.62
C GLN B 237 3.44 -13.43 13.41
N ILE B 238 4.03 -14.63 13.32
CA ILE B 238 3.26 -15.82 13.05
C ILE B 238 2.86 -16.68 14.26
N CYS B 239 1.61 -17.11 14.24
CA CYS B 239 1.02 -17.94 15.27
C CYS B 239 1.52 -17.68 16.68
N GLN B 240 1.40 -16.43 17.12
CA GLN B 240 1.82 -16.03 18.45
C GLN B 240 0.56 -15.83 19.28
N LYS B 241 0.64 -16.09 20.58
CA LYS B 241 -0.52 -15.89 21.44
C LYS B 241 -0.44 -14.47 21.97
N GLN B 242 0.53 -13.72 21.46
CA GLN B 242 0.74 -12.35 21.86
C GLN B 242 1.36 -11.61 20.68
N VAL B 243 0.67 -10.60 20.16
CA VAL B 243 1.20 -9.84 19.03
C VAL B 243 0.91 -8.35 19.14
N LYS B 244 1.63 -7.57 18.36
CA LYS B 244 1.44 -6.13 18.32
C LYS B 244 0.66 -5.88 17.02
N TYR B 245 -0.48 -5.21 17.14
CA TYR B 245 -1.31 -4.92 15.97
C TYR B 245 -1.98 -3.56 16.12
N LEU B 246 -1.77 -2.71 15.12
CA LEU B 246 -2.36 -1.38 15.11
C LEU B 246 -2.12 -0.61 16.41
N GLY B 247 -0.89 -0.68 16.91
CA GLY B 247 -0.56 0.04 18.13
C GLY B 247 -1.00 -0.61 19.43
N TYR B 248 -1.66 -1.76 19.33
CA TYR B 248 -2.10 -2.47 20.52
C TYR B 248 -1.29 -3.72 20.73
N LEU B 249 -1.22 -4.16 21.98
CA LEU B 249 -0.53 -5.39 22.30
C LEU B 249 -1.65 -6.34 22.67
N LEU B 250 -1.84 -7.39 21.87
CA LEU B 250 -2.88 -8.36 22.13
C LEU B 250 -2.32 -9.52 22.93
N LYS B 251 -2.88 -9.71 24.12
CA LYS B 251 -2.43 -10.76 25.02
C LYS B 251 -3.55 -11.16 25.97
N GLU B 252 -3.82 -12.46 26.05
CA GLU B 252 -4.86 -12.97 26.93
C GLU B 252 -6.23 -12.38 26.56
N GLY B 253 -6.34 -11.86 25.35
CA GLY B 253 -7.59 -11.27 24.91
C GLY B 253 -7.78 -9.83 25.36
N GLN B 254 -6.73 -9.24 25.93
CA GLN B 254 -6.81 -7.86 26.39
C GLN B 254 -6.36 -6.86 25.34
N ARG B 255 -6.90 -5.65 25.42
CA ARG B 255 -6.59 -4.57 24.49
C ARG B 255 -7.03 -4.95 23.08
#